data_3S42
#
_entry.id   3S42
#
_cell.length_a   36.562
_cell.length_b   72.569
_cell.length_c   171.353
_cell.angle_alpha   90.00
_cell.angle_beta   90.00
_cell.angle_gamma   90.00
#
_symmetry.space_group_name_H-M   'P 21 21 21'
#
loop_
_entity.id
_entity.type
_entity.pdbx_description
1 polymer '3-dehydroquinate dehydratase'
2 non-polymer 'MALONIC ACID'
3 non-polymer 'DIMETHYL SULFOXIDE'
4 non-polymer 'NICKEL (II) ION'
5 non-polymer IMIDAZOLE
6 non-polymer 'BORIC ACID'
7 water water
#
_entity_poly.entity_id   1
_entity_poly.type   'polypeptide(L)'
_entity_poly.pdbx_seq_one_letter_code
;MHHHHHHSSGVDLGTENLYFQSNAMKTVTVRDLVVGEGAPKIIVSLMGKTITDVKSEALAYREADFDILEWRVDHFANVT
TAESVLEAAGAIREIITDKPLLFTFRSAKEGGEQALTTGQYIDLNRAAVDSGLVDMIDLELFTGDDEVKATVGYAHQHNV
AVIMSNHDFHKTPAAEEIVQRLRKMQELGADIPKIAVMPQTKADVLTLLTATVEMQERYADRPIITMSMSKTGVISRLAG
EVFGSAATFGAVKKASAPGQISVADLRTVLTILHQA
;
_entity_poly.pdbx_strand_id   B,A
#
loop_
_chem_comp.id
_chem_comp.type
_chem_comp.name
_chem_comp.formula
BO3 non-polymer 'BORIC ACID' 'B H3 O3'
DMS non-polymer 'DIMETHYL SULFOXIDE' 'C2 H6 O S'
IMD non-polymer IMIDAZOLE 'C3 H5 N2 1'
MLA non-polymer 'MALONIC ACID' 'C3 H4 O4'
NI non-polymer 'NICKEL (II) ION' 'Ni 2'
#
# COMPACT_ATOMS: atom_id res chain seq x y z
N MET A 1 -38.93 -17.27 -14.98
CA MET A 1 -39.72 -17.42 -16.22
C MET A 1 -38.83 -17.73 -17.42
N HIS A 2 -37.50 -17.63 -17.30
CA HIS A 2 -36.63 -17.97 -18.46
C HIS A 2 -36.45 -19.46 -18.46
N HIS A 3 -36.70 -20.07 -19.62
CA HIS A 3 -36.63 -21.46 -19.75
C HIS A 3 -35.63 -21.96 -20.82
N HIS A 4 -34.86 -23.02 -20.53
CA HIS A 4 -33.91 -23.67 -21.50
C HIS A 4 -34.32 -25.08 -21.88
N HIS A 5 -34.20 -25.39 -23.16
CA HIS A 5 -34.57 -26.69 -23.70
C HIS A 5 -33.76 -27.81 -23.12
N HIS A 6 -34.47 -28.79 -22.55
CA HIS A 6 -33.84 -29.97 -21.93
C HIS A 6 -32.78 -29.56 -20.91
N ASN A 17 -19.69 -19.82 -22.92
CA ASN A 17 -19.35 -19.32 -21.58
C ASN A 17 -19.37 -20.38 -20.52
N LEU A 18 -18.45 -20.20 -19.62
CA LEU A 18 -18.33 -21.07 -18.48
C LEU A 18 -17.47 -20.46 -17.40
N TYR A 19 -17.95 -20.44 -16.19
CA TYR A 19 -17.07 -19.96 -15.17
C TYR A 19 -17.19 -20.93 -13.98
N PHE A 20 -16.17 -20.96 -13.20
CA PHE A 20 -16.11 -21.77 -12.02
C PHE A 20 -16.03 -20.87 -10.79
N GLN A 21 -16.44 -21.41 -9.66
CA GLN A 21 -16.27 -20.66 -8.42
C GLN A 21 -16.10 -21.66 -7.31
N SER A 22 -15.26 -21.31 -6.38
CA SER A 22 -14.95 -22.20 -5.25
C SER A 22 -15.12 -21.41 -4.00
N ASN A 23 -16.18 -21.83 -3.25
CA ASN A 23 -16.59 -21.12 -2.06
CA ASN A 23 -16.54 -21.15 -1.99
C ASN A 23 -15.61 -21.25 -0.95
N ALA A 24 -14.96 -22.36 -0.89
CA ALA A 24 -14.07 -22.69 0.15
C ALA A 24 -12.66 -22.16 -0.21
N MET A 25 -12.36 -22.11 -1.47
CA MET A 25 -11.10 -21.44 -1.80
C MET A 25 -11.28 -19.83 -2.00
N LYS A 26 -12.48 -19.38 -2.07
CA LYS A 26 -12.84 -17.99 -2.41
C LYS A 26 -12.31 -17.48 -3.74
N THR A 27 -12.54 -18.24 -4.80
CA THR A 27 -12.10 -17.89 -6.09
C THR A 27 -13.25 -17.94 -7.08
N VAL A 28 -13.06 -17.23 -8.19
CA VAL A 28 -13.96 -17.25 -9.37
C VAL A 28 -13.01 -17.41 -10.53
N THR A 29 -13.17 -18.45 -11.38
CA THR A 29 -12.26 -18.70 -12.49
C THR A 29 -13.02 -18.48 -13.79
N VAL A 30 -12.55 -17.55 -14.61
N VAL A 30 -12.56 -17.53 -14.59
CA VAL A 30 -13.17 -17.19 -15.88
CA VAL A 30 -13.16 -17.19 -15.87
C VAL A 30 -12.07 -17.14 -16.96
C VAL A 30 -12.03 -17.24 -16.93
N ARG A 31 -12.26 -17.86 -18.07
CA ARG A 31 -11.23 -17.96 -19.11
C ARG A 31 -9.85 -18.30 -18.54
N ASP A 32 -9.80 -19.29 -17.64
CA ASP A 32 -8.57 -19.74 -16.97
C ASP A 32 -7.90 -18.82 -15.98
N LEU A 33 -8.48 -17.63 -15.81
CA LEU A 33 -7.97 -16.65 -14.87
C LEU A 33 -8.63 -16.93 -13.52
N VAL A 34 -7.78 -17.12 -12.52
CA VAL A 34 -8.26 -17.46 -11.17
C VAL A 34 -8.30 -16.20 -10.34
N VAL A 35 -9.48 -15.57 -10.26
CA VAL A 35 -9.64 -14.38 -9.46
C VAL A 35 -9.81 -14.77 -8.01
N GLY A 36 -8.93 -14.26 -7.14
CA GLY A 36 -8.96 -14.62 -5.74
C GLY A 36 -7.77 -15.42 -5.28
N GLU A 37 -6.90 -15.79 -6.22
CA GLU A 37 -5.70 -16.54 -5.91
C GLU A 37 -4.48 -15.69 -6.27
N GLY A 38 -3.43 -15.78 -5.45
CA GLY A 38 -2.17 -15.09 -5.76
C GLY A 38 -2.25 -13.62 -5.80
N ALA A 39 -1.55 -13.00 -6.73
CA ALA A 39 -1.55 -11.53 -6.83
C ALA A 39 -2.85 -11.05 -7.42
N PRO A 40 -3.35 -9.89 -7.03
CA PRO A 40 -4.55 -9.35 -7.60
C PRO A 40 -4.45 -9.20 -9.11
N LYS A 41 -5.62 -9.33 -9.78
CA LYS A 41 -5.71 -9.23 -11.24
C LYS A 41 -5.95 -7.82 -11.67
N ILE A 42 -5.51 -7.45 -12.87
CA ILE A 42 -5.65 -6.12 -13.38
C ILE A 42 -6.78 -5.99 -14.37
N ILE A 43 -7.69 -5.09 -14.10
CA ILE A 43 -8.84 -4.76 -14.98
C ILE A 43 -8.54 -3.42 -15.63
N VAL A 44 -8.76 -3.34 -16.94
CA VAL A 44 -8.65 -2.10 -17.70
C VAL A 44 -10.03 -1.81 -18.31
N SER A 45 -10.34 -0.55 -18.53
CA SER A 45 -11.60 -0.14 -19.09
C SER A 45 -11.46 0.42 -20.45
N LEU A 46 -12.28 -0.11 -21.36
CA LEU A 46 -12.32 0.32 -22.78
C LEU A 46 -13.54 1.23 -22.97
N MET A 47 -13.30 2.40 -23.54
N MET A 47 -13.28 2.40 -23.56
CA MET A 47 -14.36 3.35 -23.80
CA MET A 47 -14.27 3.42 -23.75
C MET A 47 -14.30 3.73 -25.26
C MET A 47 -14.29 3.89 -25.22
N GLY A 48 -15.45 3.72 -25.88
CA GLY A 48 -15.56 4.16 -27.29
C GLY A 48 -16.99 4.62 -27.57
N LYS A 49 -17.14 5.71 -28.30
N LYS A 49 -17.15 5.72 -28.27
CA LYS A 49 -18.43 6.25 -28.60
CA LYS A 49 -18.45 6.25 -28.61
C LYS A 49 -19.21 5.52 -29.68
C LYS A 49 -19.23 5.50 -29.69
N THR A 50 -18.54 5.21 -30.75
CA THR A 50 -19.15 4.52 -31.89
C THR A 50 -18.56 3.18 -32.01
N ILE A 51 -19.19 2.35 -32.83
CA ILE A 51 -18.64 1.04 -33.05
C ILE A 51 -17.24 1.14 -33.59
N THR A 52 -16.96 2.13 -34.42
CA THR A 52 -15.61 2.32 -34.97
C THR A 52 -14.62 2.64 -33.87
N ASP A 53 -14.99 3.46 -32.90
CA ASP A 53 -14.06 3.76 -31.79
C ASP A 53 -13.83 2.53 -30.88
N VAL A 54 -14.85 1.70 -30.65
CA VAL A 54 -14.67 0.53 -29.83
C VAL A 54 -13.67 -0.43 -30.48
N LYS A 55 -13.84 -0.59 -31.78
CA LYS A 55 -12.94 -1.49 -32.49
C LYS A 55 -11.51 -1.01 -32.46
N SER A 56 -11.32 0.29 -32.71
N SER A 56 -11.34 0.27 -32.73
CA SER A 56 -9.94 0.85 -32.67
CA SER A 56 -10.01 0.82 -32.67
C SER A 56 -9.33 0.73 -31.28
C SER A 56 -9.39 0.66 -31.29
N GLU A 57 -10.12 1.03 -30.25
CA GLU A 57 -9.56 0.88 -28.90
C GLU A 57 -9.25 -0.59 -28.48
N ALA A 58 -10.05 -1.53 -28.91
CA ALA A 58 -9.81 -2.92 -28.52
C ALA A 58 -8.58 -3.45 -29.16
N LEU A 59 -8.38 -3.07 -30.39
CA LEU A 59 -7.19 -3.49 -31.11
C LEU A 59 -5.98 -2.90 -30.45
N ALA A 60 -6.09 -1.65 -30.06
CA ALA A 60 -4.98 -1.00 -29.40
C ALA A 60 -4.68 -1.60 -28.06
N TYR A 61 -5.73 -1.95 -27.30
CA TYR A 61 -5.54 -2.55 -25.98
C TYR A 61 -5.01 -3.95 -25.96
N ARG A 62 -5.19 -4.67 -27.06
CA ARG A 62 -4.77 -6.02 -27.12
C ARG A 62 -3.32 -6.21 -26.73
N GLU A 63 -2.47 -5.22 -27.02
CA GLU A 63 -1.08 -5.26 -26.71
C GLU A 63 -0.72 -4.98 -25.26
N ALA A 64 -1.67 -4.50 -24.47
CA ALA A 64 -1.40 -4.14 -23.07
C ALA A 64 -1.41 -5.35 -22.16
N ASP A 65 -0.74 -5.16 -21.01
CA ASP A 65 -0.67 -6.18 -20.00
C ASP A 65 -1.83 -5.97 -19.00
N PHE A 66 -2.86 -6.73 -19.20
CA PHE A 66 -4.05 -6.69 -18.28
C PHE A 66 -4.62 -8.09 -18.26
N ASP A 67 -5.49 -8.35 -17.30
CA ASP A 67 -6.11 -9.66 -17.10
C ASP A 67 -7.57 -9.69 -17.53
N ILE A 68 -8.31 -8.64 -17.20
CA ILE A 68 -9.74 -8.57 -17.51
C ILE A 68 -10.05 -7.26 -18.26
N LEU A 69 -10.83 -7.36 -19.34
N LEU A 69 -10.83 -7.35 -19.35
CA LEU A 69 -11.22 -6.17 -20.05
CA LEU A 69 -11.21 -6.18 -20.11
C LEU A 69 -12.65 -5.81 -19.69
C LEU A 69 -12.64 -5.77 -19.78
N GLU A 70 -12.83 -4.59 -19.20
CA GLU A 70 -14.14 -4.05 -18.93
C GLU A 70 -14.53 -3.18 -20.07
N TRP A 71 -15.68 -3.42 -20.68
CA TRP A 71 -16.23 -2.56 -21.69
C TRP A 71 -17.21 -1.62 -21.03
N ARG A 72 -16.87 -0.33 -20.98
CA ARG A 72 -17.75 0.76 -20.41
C ARG A 72 -18.78 1.14 -21.43
N VAL A 73 -19.90 0.42 -21.37
CA VAL A 73 -20.99 0.57 -22.34
C VAL A 73 -21.62 1.96 -22.22
N ASP A 74 -21.56 2.60 -21.05
CA ASP A 74 -22.11 3.91 -20.91
C ASP A 74 -21.47 4.96 -21.76
N HIS A 75 -20.27 4.70 -22.24
CA HIS A 75 -19.58 5.64 -23.21
C HIS A 75 -20.04 5.41 -24.64
N PHE A 76 -20.81 4.38 -24.92
CA PHE A 76 -21.24 4.06 -26.28
C PHE A 76 -22.49 4.89 -26.63
N ALA A 77 -22.48 5.55 -27.78
CA ALA A 77 -23.59 6.43 -28.14
C ALA A 77 -24.90 5.70 -28.43
N ASN A 78 -24.78 4.52 -29.01
CA ASN A 78 -25.94 3.73 -29.43
C ASN A 78 -26.36 2.66 -28.47
N VAL A 79 -26.46 3.01 -27.21
N VAL A 79 -26.18 2.95 -27.19
CA VAL A 79 -26.84 2.07 -26.16
CA VAL A 79 -26.49 1.99 -26.15
C VAL A 79 -28.34 1.76 -26.14
C VAL A 79 -27.91 1.41 -26.30
N THR A 80 -29.08 2.52 -26.96
N THR A 80 -28.89 2.25 -26.68
CA THR A 80 -30.54 2.43 -27.05
CA THR A 80 -30.27 1.82 -26.86
C THR A 80 -31.18 1.18 -27.74
C THR A 80 -30.52 1.27 -28.28
N THR A 81 -30.48 0.61 -28.73
N THR A 81 -29.46 0.95 -29.06
CA THR A 81 -30.96 -0.53 -29.45
CA THR A 81 -29.62 0.32 -30.44
C THR A 81 -29.99 -1.60 -29.01
C THR A 81 -29.05 -1.09 -30.27
N ALA A 82 -30.55 -2.58 -28.32
N ALA A 82 -29.95 -2.04 -30.09
CA ALA A 82 -29.74 -3.65 -27.79
CA ALA A 82 -29.52 -3.41 -29.81
C ALA A 82 -28.93 -4.33 -28.89
C ALA A 82 -28.48 -3.98 -30.79
N GLU A 83 -29.52 -4.62 -30.05
N GLU A 83 -28.70 -3.75 -32.05
CA GLU A 83 -28.76 -5.26 -31.13
CA GLU A 83 -27.77 -4.31 -32.98
C GLU A 83 -27.48 -4.48 -31.48
C GLU A 83 -26.36 -3.70 -32.88
N SER A 84 -27.50 -3.16 -31.44
N SER A 84 -26.24 -2.42 -32.52
CA SER A 84 -26.31 -2.33 -31.78
CA SER A 84 -24.94 -1.76 -32.40
C SER A 84 -25.18 -2.53 -30.74
C SER A 84 -24.19 -2.29 -31.19
N VAL A 85 -25.60 -2.58 -29.49
N VAL A 85 -24.92 -2.52 -30.10
CA VAL A 85 -24.66 -2.85 -28.40
CA VAL A 85 -24.30 -3.08 -28.89
C VAL A 85 -24.07 -4.22 -28.60
C VAL A 85 -23.84 -4.47 -29.18
N LEU A 86 -24.87 -5.22 -28.95
N LEU A 86 -24.76 -5.27 -29.74
CA LEU A 86 -24.36 -6.59 -29.19
CA LEU A 86 -24.44 -6.66 -30.00
C LEU A 86 -23.40 -6.61 -30.44
C LEU A 86 -23.15 -6.69 -30.71
N GLU A 87 -23.58 -5.74 -31.42
N GLU A 87 -23.15 -5.98 -31.84
CA GLU A 87 -22.64 -5.70 -32.54
CA GLU A 87 -22.04 -5.80 -32.73
C GLU A 87 -21.16 -5.31 -32.06
C GLU A 87 -20.85 -5.31 -32.01
N ALA A 88 -21.04 -4.31 -31.17
CA ALA A 88 -19.83 -3.83 -30.55
C ALA A 88 -19.26 -4.89 -29.61
N ALA A 89 -20.11 -5.56 -28.85
CA ALA A 89 -19.59 -6.65 -28.00
C ALA A 89 -18.96 -7.73 -28.80
N GLY A 90 -19.56 -8.07 -29.96
CA GLY A 90 -19.01 -9.11 -30.79
C GLY A 90 -17.68 -8.67 -31.33
N ALA A 91 -17.59 -7.39 -31.70
CA ALA A 91 -16.36 -6.88 -32.20
C ALA A 91 -15.19 -6.98 -31.16
N ILE A 92 -15.47 -6.67 -29.91
CA ILE A 92 -14.49 -6.76 -28.90
C ILE A 92 -14.17 -8.22 -28.70
N ARG A 93 -15.18 -9.09 -28.60
CA ARG A 93 -14.93 -10.53 -28.39
C ARG A 93 -14.06 -11.14 -29.49
N GLU A 94 -14.23 -10.71 -30.76
CA GLU A 94 -13.44 -11.20 -31.90
C GLU A 94 -12.00 -10.79 -31.77
N ILE A 95 -11.77 -9.62 -31.19
CA ILE A 95 -10.48 -9.06 -31.04
C ILE A 95 -9.72 -9.54 -29.79
N ILE A 96 -10.41 -9.60 -28.67
CA ILE A 96 -9.84 -10.03 -27.35
C ILE A 96 -10.45 -11.41 -27.12
N THR A 97 -9.74 -12.43 -27.54
CA THR A 97 -10.31 -13.77 -27.53
C THR A 97 -9.94 -14.65 -26.34
N ASP A 98 -8.99 -14.21 -25.55
CA ASP A 98 -8.45 -15.03 -24.49
C ASP A 98 -8.43 -14.52 -23.06
N LYS A 99 -9.20 -13.47 -22.85
CA LYS A 99 -9.34 -12.84 -21.57
C LYS A 99 -10.78 -12.61 -21.27
N PRO A 100 -11.14 -12.59 -20.00
CA PRO A 100 -12.51 -12.32 -19.61
C PRO A 100 -12.94 -10.96 -20.04
N LEU A 101 -14.13 -10.86 -20.60
N LEU A 101 -14.16 -10.87 -20.49
CA LEU A 101 -14.73 -9.64 -21.04
CA LEU A 101 -14.76 -9.65 -20.88
C LEU A 101 -15.93 -9.30 -20.13
C LEU A 101 -15.87 -9.37 -19.89
N LEU A 102 -15.81 -8.17 -19.38
CA LEU A 102 -16.84 -7.69 -18.41
C LEU A 102 -17.66 -6.57 -19.08
N PHE A 103 -18.96 -6.75 -19.17
CA PHE A 103 -19.89 -5.78 -19.70
C PHE A 103 -20.36 -4.87 -18.60
N THR A 104 -20.03 -3.59 -18.67
CA THR A 104 -20.40 -2.63 -17.66
C THR A 104 -21.07 -1.39 -18.16
N PHE A 105 -22.39 -1.30 -17.97
CA PHE A 105 -23.05 -0.01 -18.17
C PHE A 105 -23.02 0.67 -16.78
N ARG A 106 -22.17 1.67 -16.63
N ARG A 106 -22.19 1.68 -16.57
CA ARG A 106 -22.03 2.43 -15.41
CA ARG A 106 -22.16 2.39 -15.29
C ARG A 106 -23.09 3.56 -15.41
C ARG A 106 -23.16 3.49 -15.40
N SER A 107 -23.66 3.84 -14.28
N SER A 107 -24.27 3.35 -14.60
CA SER A 107 -24.62 4.94 -14.29
CA SER A 107 -25.47 4.24 -14.61
C SER A 107 -23.88 6.21 -13.92
C SER A 107 -25.14 5.65 -14.23
N ALA A 108 -24.45 7.31 -14.41
N ALA A 108 -26.00 6.55 -14.68
CA ALA A 108 -23.89 8.64 -14.15
CA ALA A 108 -25.86 7.97 -14.37
C ALA A 108 -23.69 8.89 -12.67
C ALA A 108 -25.83 8.24 -12.86
N LYS A 109 -24.77 8.69 -11.92
N LYS A 109 -26.58 7.45 -12.09
CA LYS A 109 -24.58 8.68 -10.43
CA LYS A 109 -26.56 7.59 -10.65
C LYS A 109 -23.40 7.96 -9.78
C LYS A 109 -25.16 7.43 -10.04
N GLU A 110 -22.97 6.89 -10.40
N GLU A 110 -24.31 6.59 -10.64
CA GLU A 110 -21.90 6.07 -9.89
CA GLU A 110 -22.97 6.34 -10.11
C GLU A 110 -20.56 6.24 -10.61
C GLU A 110 -21.84 6.76 -11.00
N GLY A 111 -20.44 7.33 -11.39
N GLY A 111 -22.04 7.92 -11.61
CA GLY A 111 -19.20 7.57 -12.10
CA GLY A 111 -21.02 8.55 -12.43
C GLY A 111 -19.17 7.44 -13.63
C GLY A 111 -20.96 8.23 -13.89
N GLY A 112 -20.33 7.05 -14.19
N GLY A 112 -21.88 7.39 -14.37
CA GLY A 112 -20.58 6.86 -15.63
CA GLY A 112 -21.95 6.96 -15.75
C GLY A 112 -21.01 8.09 -16.46
C GLY A 112 -22.20 8.12 -16.67
N GLU A 113 -21.54 7.85 -17.70
N GLU A 113 -21.63 8.01 -17.84
CA GLU A 113 -21.87 8.99 -18.67
CA GLU A 113 -21.68 9.09 -18.77
C GLU A 113 -23.25 9.35 -19.35
C GLU A 113 -23.04 9.26 -19.24
N GLN A 114 -24.27 8.47 -19.33
N GLN A 114 -23.84 8.24 -18.87
CA GLN A 114 -25.54 8.78 -19.98
CA GLN A 114 -25.21 8.18 -19.24
C GLN A 114 -26.69 8.19 -19.11
C GLN A 114 -26.11 7.58 -18.17
N ALA A 115 -27.94 8.59 -19.37
N ALA A 115 -27.36 7.88 -18.53
CA ALA A 115 -29.04 8.09 -18.55
CA ALA A 115 -28.58 7.55 -17.90
C ALA A 115 -29.84 6.89 -19.09
C ALA A 115 -29.47 6.78 -18.90
N LEU A 116 -30.12 5.84 -18.27
CA LEU A 116 -31.04 4.82 -18.82
C LEU A 116 -32.05 4.55 -17.75
N THR A 117 -33.29 4.22 -18.14
CA THR A 117 -34.26 3.82 -17.14
C THR A 117 -33.88 2.45 -16.59
N THR A 118 -34.42 2.02 -15.47
CA THR A 118 -34.12 0.70 -14.94
C THR A 118 -34.52 -0.38 -15.96
N GLY A 119 -35.66 -0.24 -16.63
CA GLY A 119 -36.06 -1.27 -17.57
C GLY A 119 -35.07 -1.38 -18.68
N GLN A 120 -34.62 -0.27 -19.21
CA GLN A 120 -33.62 -0.29 -20.29
C GLN A 120 -32.32 -0.92 -19.80
N TYR A 121 -31.87 -0.61 -18.60
CA TYR A 121 -30.66 -1.15 -18.04
C TYR A 121 -30.73 -2.66 -17.88
N ILE A 122 -31.83 -3.14 -17.32
CA ILE A 122 -32.03 -4.57 -17.15
C ILE A 122 -32.10 -5.22 -18.50
N ASP A 123 -32.87 -4.67 -19.46
CA ASP A 123 -32.94 -5.28 -20.80
C ASP A 123 -31.57 -5.31 -21.46
N LEU A 124 -30.71 -4.27 -21.32
CA LEU A 124 -29.41 -4.25 -21.91
C LEU A 124 -28.56 -5.38 -21.35
N ASN A 125 -28.53 -5.54 -20.04
CA ASN A 125 -27.77 -6.61 -19.42
C ASN A 125 -28.31 -7.97 -19.78
N ARG A 126 -29.62 -8.13 -19.87
CA ARG A 126 -30.18 -9.44 -20.34
C ARG A 126 -29.73 -9.71 -21.75
N ALA A 127 -29.73 -8.71 -22.60
CA ALA A 127 -29.27 -8.91 -23.99
C ALA A 127 -27.79 -9.32 -24.01
N ALA A 128 -26.97 -8.69 -23.18
CA ALA A 128 -25.52 -9.09 -23.09
C ALA A 128 -25.39 -10.51 -22.66
N VAL A 129 -26.13 -10.91 -21.63
CA VAL A 129 -26.13 -12.29 -21.19
C VAL A 129 -26.56 -13.24 -22.34
N ASP A 130 -27.63 -12.89 -23.04
CA ASP A 130 -28.13 -13.73 -24.12
C ASP A 130 -27.16 -13.99 -25.24
N SER A 131 -26.32 -13.01 -25.51
CA SER A 131 -25.45 -13.06 -26.64
C SER A 131 -24.38 -14.10 -26.58
N GLY A 132 -23.97 -14.45 -25.38
CA GLY A 132 -22.83 -15.33 -25.17
C GLY A 132 -21.46 -14.65 -25.47
N LEU A 133 -21.47 -13.37 -25.73
CA LEU A 133 -20.27 -12.63 -26.11
C LEU A 133 -19.51 -12.05 -24.96
N VAL A 134 -20.07 -12.03 -23.75
CA VAL A 134 -19.34 -11.51 -22.60
C VAL A 134 -19.33 -12.58 -21.51
N ASP A 135 -18.27 -12.59 -20.71
CA ASP A 135 -18.11 -13.58 -19.69
C ASP A 135 -18.74 -13.14 -18.37
N MET A 136 -18.83 -11.83 -18.15
CA MET A 136 -19.33 -11.28 -16.90
C MET A 136 -20.07 -10.02 -17.19
N ILE A 137 -21.01 -9.71 -16.31
CA ILE A 137 -21.74 -8.46 -16.32
C ILE A 137 -21.55 -7.76 -14.99
N ASP A 138 -21.60 -6.44 -15.03
CA ASP A 138 -21.62 -5.62 -13.84
C ASP A 138 -23.05 -5.21 -13.53
N LEU A 139 -23.50 -5.46 -12.34
CA LEU A 139 -24.84 -4.97 -11.92
C LEU A 139 -24.64 -4.09 -10.70
N GLU A 140 -25.25 -2.93 -10.71
CA GLU A 140 -25.17 -2.03 -9.57
C GLU A 140 -26.07 -2.47 -8.42
N LEU A 141 -25.48 -2.56 -7.23
CA LEU A 141 -26.23 -2.90 -6.03
C LEU A 141 -27.47 -2.05 -5.84
N PHE A 142 -27.38 -0.76 -6.10
CA PHE A 142 -28.49 0.13 -5.89
C PHE A 142 -29.52 0.15 -7.02
N THR A 143 -29.58 -0.85 -7.87
CA THR A 143 -30.57 -0.86 -8.92
C THR A 143 -31.97 -1.16 -8.37
N GLY A 144 -32.09 -1.98 -7.32
CA GLY A 144 -33.41 -2.35 -6.75
C GLY A 144 -33.31 -3.86 -6.59
N ASP A 145 -33.73 -4.36 -5.43
CA ASP A 145 -33.48 -5.80 -5.09
C ASP A 145 -34.19 -6.76 -5.98
N ASP A 146 -35.43 -6.50 -6.33
CA ASP A 146 -36.18 -7.46 -7.17
C ASP A 146 -35.50 -7.61 -8.53
N GLU A 147 -35.16 -6.49 -9.17
N GLU A 147 -35.15 -6.46 -9.10
CA GLU A 147 -34.53 -6.59 -10.49
CA GLU A 147 -34.51 -6.43 -10.38
C GLU A 147 -33.09 -7.15 -10.38
C GLU A 147 -33.17 -7.14 -10.34
N VAL A 148 -32.36 -6.81 -9.35
CA VAL A 148 -31.03 -7.37 -9.22
C VAL A 148 -31.05 -8.85 -9.04
N LYS A 149 -31.86 -9.34 -8.14
CA LYS A 149 -31.94 -10.77 -7.92
C LYS A 149 -32.32 -11.49 -9.18
N ALA A 150 -33.29 -11.01 -9.90
CA ALA A 150 -33.77 -11.68 -11.09
C ALA A 150 -32.65 -11.70 -12.10
N THR A 151 -31.91 -10.61 -12.22
CA THR A 151 -30.89 -10.54 -13.23
C THR A 151 -29.66 -11.36 -12.89
N VAL A 152 -29.30 -11.42 -11.62
CA VAL A 152 -28.24 -12.30 -11.18
C VAL A 152 -28.59 -13.76 -11.56
N GLY A 153 -29.82 -14.16 -11.24
CA GLY A 153 -30.24 -15.51 -11.56
C GLY A 153 -30.17 -15.77 -13.06
N TYR A 154 -30.62 -14.78 -13.82
CA TYR A 154 -30.60 -14.87 -15.28
C TYR A 154 -29.16 -15.05 -15.81
N ALA A 155 -28.21 -14.23 -15.32
CA ALA A 155 -26.84 -14.38 -15.75
C ALA A 155 -26.33 -15.81 -15.42
N HIS A 156 -26.59 -16.27 -14.20
CA HIS A 156 -26.16 -17.60 -13.77
C HIS A 156 -26.71 -18.72 -14.62
N GLN A 157 -27.94 -18.57 -15.10
N GLN A 157 -27.92 -18.56 -15.14
CA GLN A 157 -28.53 -19.60 -15.98
CA GLN A 157 -28.56 -19.59 -15.98
C GLN A 157 -27.75 -19.74 -17.25
C GLN A 157 -27.90 -19.65 -17.36
N HIS A 158 -27.03 -18.68 -17.64
CA HIS A 158 -26.27 -18.65 -18.87
C HIS A 158 -24.74 -18.78 -18.66
N ASN A 159 -24.35 -19.12 -17.48
CA ASN A 159 -22.91 -19.26 -17.14
C ASN A 159 -22.15 -17.96 -17.28
N VAL A 160 -22.85 -16.86 -16.94
CA VAL A 160 -22.25 -15.51 -16.95
C VAL A 160 -22.09 -15.07 -15.49
N ALA A 161 -20.90 -14.67 -15.09
CA ALA A 161 -20.62 -14.27 -13.74
C ALA A 161 -21.03 -12.80 -13.53
N VAL A 162 -21.33 -12.42 -12.30
CA VAL A 162 -21.71 -11.09 -11.97
C VAL A 162 -20.76 -10.43 -10.99
N ILE A 163 -20.27 -9.25 -11.38
CA ILE A 163 -19.53 -8.34 -10.47
C ILE A 163 -20.62 -7.41 -10.03
N MET A 164 -20.98 -7.33 -8.76
CA MET A 164 -22.00 -6.40 -8.25
C MET A 164 -21.26 -5.25 -7.76
N SER A 165 -21.72 -4.04 -8.03
CA SER A 165 -20.89 -2.87 -7.77
C SER A 165 -21.58 -1.74 -7.08
N ASN A 166 -20.74 -0.87 -6.45
CA ASN A 166 -21.25 0.29 -5.78
C ASN A 166 -20.09 1.31 -5.77
N HIS A 167 -20.42 2.57 -5.92
CA HIS A 167 -19.40 3.60 -6.00
C HIS A 167 -19.84 4.88 -5.32
N ASP A 168 -18.89 5.50 -4.65
CA ASP A 168 -19.11 6.82 -4.08
C ASP A 168 -17.92 7.68 -4.46
N PHE A 169 -18.11 8.65 -5.35
CA PHE A 169 -17.04 9.49 -5.83
C PHE A 169 -16.77 10.75 -5.01
N HIS A 170 -17.54 10.92 -3.93
N HIS A 170 -17.55 10.92 -3.94
CA HIS A 170 -17.40 12.12 -3.09
CA HIS A 170 -17.39 12.10 -3.09
C HIS A 170 -17.07 11.90 -1.59
C HIS A 170 -16.89 11.83 -1.66
N LYS A 171 -17.29 10.68 -1.08
CA LYS A 171 -16.97 10.37 0.32
C LYS A 171 -16.76 8.89 0.54
N THR A 172 -16.28 8.59 1.77
CA THR A 172 -16.04 7.23 2.21
C THR A 172 -17.08 6.95 3.33
N PRO A 173 -18.04 6.06 3.05
CA PRO A 173 -18.99 5.71 4.16
C PRO A 173 -18.24 5.04 5.34
N ALA A 174 -18.85 4.98 6.51
CA ALA A 174 -18.23 4.28 7.63
C ALA A 174 -17.94 2.84 7.27
N ALA A 175 -16.93 2.24 7.89
CA ALA A 175 -16.54 0.90 7.62
C ALA A 175 -17.71 -0.07 7.72
N GLU A 176 -18.55 0.09 8.73
CA GLU A 176 -19.68 -0.78 8.94
C GLU A 176 -20.64 -0.73 7.72
N GLU A 177 -20.86 0.44 7.17
CA GLU A 177 -21.72 0.63 6.00
C GLU A 177 -21.09 -0.01 4.75
N ILE A 178 -19.78 0.14 4.57
CA ILE A 178 -19.08 -0.51 3.47
C ILE A 178 -19.28 -2.03 3.59
N VAL A 179 -19.04 -2.60 4.81
CA VAL A 179 -19.22 -4.02 5.03
C VAL A 179 -20.67 -4.41 4.76
N GLN A 180 -21.64 -3.63 5.23
CA GLN A 180 -23.02 -3.99 4.96
C GLN A 180 -23.30 -4.08 3.47
N ARG A 181 -22.79 -3.15 2.67
CA ARG A 181 -23.03 -3.17 1.24
C ARG A 181 -22.42 -4.43 0.58
N LEU A 182 -21.20 -4.76 0.99
CA LEU A 182 -20.51 -5.98 0.44
C LEU A 182 -21.28 -7.21 0.82
N ARG A 183 -21.76 -7.28 2.09
CA ARG A 183 -22.55 -8.41 2.52
C ARG A 183 -23.87 -8.53 1.74
N LYS A 184 -24.53 -7.38 1.51
CA LYS A 184 -25.77 -7.38 0.76
C LYS A 184 -25.49 -7.92 -0.66
N MET A 185 -24.41 -7.54 -1.29
CA MET A 185 -24.07 -8.05 -2.61
C MET A 185 -23.98 -9.54 -2.62
N GLN A 186 -23.30 -10.10 -1.60
CA GLN A 186 -23.24 -11.52 -1.47
C GLN A 186 -24.65 -12.12 -1.30
N GLU A 187 -25.51 -11.54 -0.45
CA GLU A 187 -26.87 -12.00 -0.23
C GLU A 187 -27.66 -12.03 -1.54
N LEU A 188 -27.41 -11.06 -2.45
CA LEU A 188 -28.10 -10.95 -3.69
C LEU A 188 -27.49 -11.88 -4.78
N GLY A 189 -26.46 -12.66 -4.44
CA GLY A 189 -25.84 -13.62 -5.33
C GLY A 189 -24.65 -13.14 -6.19
N ALA A 190 -24.08 -11.99 -5.85
CA ALA A 190 -22.96 -11.52 -6.62
C ALA A 190 -21.85 -12.57 -6.59
N ASP A 191 -21.16 -12.83 -7.70
CA ASP A 191 -19.99 -13.70 -7.72
C ASP A 191 -18.82 -12.93 -7.14
N ILE A 192 -18.72 -11.62 -7.40
CA ILE A 192 -17.64 -10.76 -6.90
C ILE A 192 -18.21 -9.39 -6.48
N PRO A 193 -18.45 -9.21 -5.17
CA PRO A 193 -18.81 -7.84 -4.69
C PRO A 193 -17.67 -6.87 -4.98
N LYS A 194 -18.03 -5.65 -5.35
CA LYS A 194 -17.04 -4.63 -5.69
C LYS A 194 -17.47 -3.27 -5.20
N ILE A 195 -16.59 -2.57 -4.52
CA ILE A 195 -16.90 -1.22 -4.06
C ILE A 195 -15.77 -0.27 -4.25
N ALA A 196 -16.06 0.96 -4.70
CA ALA A 196 -15.10 2.03 -4.83
C ALA A 196 -15.60 3.22 -4.09
N VAL A 197 -14.74 3.84 -3.27
CA VAL A 197 -15.10 5.01 -2.47
C VAL A 197 -14.04 6.09 -2.57
N MET A 198 -14.38 7.31 -2.25
CA MET A 198 -13.46 8.45 -2.38
C MET A 198 -13.04 8.97 -1.04
N PRO A 199 -11.74 8.99 -0.77
CA PRO A 199 -11.32 9.51 0.53
C PRO A 199 -11.38 11.06 0.56
N GLN A 200 -11.76 11.61 1.71
CA GLN A 200 -11.65 13.06 1.93
C GLN A 200 -10.46 13.33 2.86
N THR A 201 -9.99 12.27 3.53
CA THR A 201 -8.89 12.35 4.52
C THR A 201 -8.05 11.08 4.36
N LYS A 202 -6.85 11.11 4.93
N LYS A 202 -6.85 11.05 4.94
CA LYS A 202 -5.97 9.95 4.89
CA LYS A 202 -6.03 9.82 4.85
C LYS A 202 -6.65 8.79 5.68
C LYS A 202 -6.69 8.73 5.67
N ALA A 203 -7.31 9.11 6.78
CA ALA A 203 -7.99 8.08 7.57
C ALA A 203 -9.05 7.35 6.74
N ASP A 204 -9.68 8.05 5.81
CA ASP A 204 -10.70 7.40 4.95
C ASP A 204 -10.09 6.27 4.10
N VAL A 205 -8.85 6.36 3.72
CA VAL A 205 -8.21 5.32 2.97
C VAL A 205 -8.14 4.05 3.88
N LEU A 206 -7.76 4.29 5.13
CA LEU A 206 -7.65 3.21 6.12
C LEU A 206 -9.00 2.62 6.45
N THR A 207 -10.06 3.44 6.45
CA THR A 207 -11.41 2.92 6.69
C THR A 207 -11.78 1.92 5.58
N LEU A 208 -11.45 2.25 4.31
CA LEU A 208 -11.77 1.32 3.20
C LEU A 208 -10.98 0.03 3.37
N LEU A 209 -9.72 0.12 3.77
CA LEU A 209 -8.93 -1.12 4.01
C LEU A 209 -9.47 -1.90 5.22
N THR A 210 -9.88 -1.24 6.27
CA THR A 210 -10.49 -1.92 7.42
C THR A 210 -11.74 -2.70 6.99
N ALA A 211 -12.56 -2.11 6.18
CA ALA A 211 -13.77 -2.76 5.71
C ALA A 211 -13.40 -3.96 4.86
N THR A 212 -12.38 -3.80 4.05
CA THR A 212 -11.94 -4.89 3.17
C THR A 212 -11.53 -6.11 3.99
N VAL A 213 -10.69 -5.86 4.99
CA VAL A 213 -10.21 -6.96 5.84
C VAL A 213 -11.36 -7.61 6.57
N GLU A 214 -12.24 -6.83 7.21
N GLU A 214 -12.21 -6.79 7.17
CA GLU A 214 -13.34 -7.42 7.95
CA GLU A 214 -13.33 -7.29 7.90
C GLU A 214 -14.27 -8.20 7.01
C GLU A 214 -14.24 -8.14 7.05
N MET A 215 -14.60 -7.66 5.87
CA MET A 215 -15.47 -8.42 4.99
C MET A 215 -14.83 -9.74 4.54
N GLN A 216 -13.58 -9.65 4.05
N GLN A 216 -13.58 -9.69 4.05
CA GLN A 216 -12.89 -10.79 3.52
CA GLN A 216 -12.95 -10.91 3.54
C GLN A 216 -12.68 -11.90 4.58
C GLN A 216 -12.72 -11.95 4.63
N GLU A 217 -12.28 -11.52 5.80
CA GLU A 217 -12.04 -12.47 6.85
C GLU A 217 -13.26 -13.04 7.52
N ARG A 218 -14.27 -12.21 7.79
CA ARG A 218 -15.41 -12.62 8.57
C ARG A 218 -16.62 -13.08 7.82
N TYR A 219 -16.84 -12.53 6.64
CA TYR A 219 -18.06 -12.79 5.88
C TYR A 219 -17.97 -13.35 4.48
N ALA A 220 -16.90 -13.06 3.76
CA ALA A 220 -16.82 -13.50 2.37
C ALA A 220 -16.54 -14.98 2.17
N ASP A 221 -17.27 -15.58 1.23
CA ASP A 221 -16.97 -16.93 0.77
C ASP A 221 -16.63 -16.88 -0.75
N ARG A 222 -16.21 -15.71 -1.21
CA ARG A 222 -15.91 -15.43 -2.58
C ARG A 222 -14.98 -14.26 -2.63
N PRO A 223 -14.41 -13.95 -3.79
CA PRO A 223 -13.52 -12.78 -3.87
C PRO A 223 -14.30 -11.48 -3.83
N ILE A 224 -13.66 -10.44 -3.29
CA ILE A 224 -14.16 -9.12 -3.29
C ILE A 224 -13.17 -8.20 -3.98
N ILE A 225 -13.63 -7.06 -4.48
CA ILE A 225 -12.80 -6.02 -5.10
C ILE A 225 -13.09 -4.68 -4.39
N THR A 226 -12.11 -4.06 -3.81
CA THR A 226 -12.33 -2.78 -3.20
C THR A 226 -11.28 -1.79 -3.56
N MET A 227 -11.60 -0.50 -3.50
CA MET A 227 -10.61 0.56 -3.79
C MET A 227 -11.08 1.87 -3.18
N SER A 228 -10.08 2.61 -2.74
CA SER A 228 -10.17 4.02 -2.30
C SER A 228 -9.54 4.78 -3.45
N MET A 229 -10.32 5.68 -4.09
CA MET A 229 -9.92 6.42 -5.26
C MET A 229 -9.03 7.62 -4.92
N SER A 230 -8.59 8.28 -5.98
CA SER A 230 -7.69 9.44 -5.95
C SER A 230 -6.26 9.08 -5.70
N LYS A 231 -5.35 10.03 -5.92
N LYS A 231 -5.35 10.03 -5.92
CA LYS A 231 -3.95 9.76 -5.63
CA LYS A 231 -3.96 9.74 -5.63
C LYS A 231 -3.76 9.32 -4.17
C LYS A 231 -3.77 9.31 -4.17
N THR A 232 -4.53 9.91 -3.26
CA THR A 232 -4.43 9.61 -1.91
C THR A 232 -4.68 8.12 -1.56
N GLY A 233 -5.64 7.53 -2.34
CA GLY A 233 -5.97 6.17 -2.12
C GLY A 233 -5.19 5.14 -2.94
N VAL A 234 -4.19 5.57 -3.71
CA VAL A 234 -3.47 4.63 -4.57
CA VAL A 234 -3.52 4.62 -4.59
C VAL A 234 -2.99 3.39 -3.89
N ILE A 235 -2.53 3.50 -2.66
CA ILE A 235 -2.03 2.34 -2.00
C ILE A 235 -3.07 1.18 -1.92
N SER A 236 -4.41 1.50 -1.88
CA SER A 236 -5.45 0.56 -1.85
C SER A 236 -5.54 -0.26 -3.18
N ARG A 237 -4.98 0.27 -4.24
CA ARG A 237 -4.97 -0.38 -5.52
C ARG A 237 -3.83 -1.34 -5.63
N LEU A 238 -2.90 -1.27 -4.66
CA LEU A 238 -1.67 -2.05 -4.68
C LEU A 238 -1.57 -3.15 -3.61
N ALA A 239 -2.32 -3.03 -2.53
CA ALA A 239 -2.18 -3.95 -1.41
C ALA A 239 -3.21 -5.00 -1.27
N GLY A 240 -3.87 -5.36 -2.35
CA GLY A 240 -4.89 -6.37 -2.28
C GLY A 240 -4.51 -7.74 -1.85
N GLU A 241 -3.28 -8.15 -2.09
CA GLU A 241 -2.91 -9.47 -1.75
C GLU A 241 -2.98 -9.66 -0.25
N VAL A 242 -2.45 -8.72 0.53
CA VAL A 242 -2.50 -8.84 1.99
CA VAL A 242 -2.50 -8.84 1.98
C VAL A 242 -3.88 -8.49 2.54
N PHE A 243 -4.53 -7.44 2.04
CA PHE A 243 -5.78 -7.04 2.65
C PHE A 243 -7.06 -7.74 2.20
N GLY A 244 -6.98 -8.35 1.04
CA GLY A 244 -8.08 -9.11 0.52
C GLY A 244 -8.88 -8.58 -0.60
N SER A 245 -8.31 -7.78 -1.47
CA SER A 245 -8.97 -7.28 -2.67
C SER A 245 -8.38 -8.09 -3.82
N ALA A 246 -9.24 -8.71 -4.61
CA ALA A 246 -8.81 -9.65 -5.67
C ALA A 246 -8.47 -9.09 -7.01
N ALA A 247 -8.80 -7.84 -7.22
CA ALA A 247 -8.50 -7.20 -8.53
C ALA A 247 -8.36 -5.71 -8.29
N THR A 248 -7.78 -5.06 -9.30
N THR A 248 -7.77 -5.08 -9.29
CA THR A 248 -7.47 -3.67 -9.23
CA THR A 248 -7.46 -3.67 -9.28
C THR A 248 -7.44 -3.08 -10.63
C THR A 248 -7.57 -3.12 -10.68
N PHE A 249 -7.92 -1.87 -10.80
CA PHE A 249 -8.01 -1.17 -12.09
C PHE A 249 -6.78 -0.37 -12.38
N GLY A 250 -6.27 -0.51 -13.61
CA GLY A 250 -5.13 0.23 -14.13
C GLY A 250 -5.51 0.96 -15.40
N ALA A 251 -4.61 1.83 -15.84
CA ALA A 251 -4.84 2.62 -17.04
C ALA A 251 -3.89 2.17 -18.12
N VAL A 252 -4.42 2.07 -19.33
CA VAL A 252 -3.62 1.71 -20.47
C VAL A 252 -3.04 3.01 -21.06
N LYS A 253 -3.90 3.90 -21.53
CA LYS A 253 -3.48 5.17 -22.12
C LYS A 253 -3.83 6.33 -21.19
N LYS A 254 -5.05 6.37 -20.66
CA LYS A 254 -5.44 7.44 -19.71
C LYS A 254 -6.31 6.83 -18.62
N ALA A 255 -6.12 7.30 -17.38
CA ALA A 255 -6.87 6.78 -16.24
C ALA A 255 -8.36 6.92 -16.49
N SER A 256 -9.14 5.93 -16.05
CA SER A 256 -10.61 5.93 -16.19
C SER A 256 -11.34 6.28 -14.88
N ALA A 257 -10.57 6.47 -13.82
CA ALA A 257 -11.07 6.83 -12.49
C ALA A 257 -9.86 7.45 -11.79
N PRO A 258 -10.10 8.40 -10.87
CA PRO A 258 -8.97 9.06 -10.22
C PRO A 258 -8.17 8.09 -9.39
N GLY A 259 -6.85 8.10 -9.56
CA GLY A 259 -5.96 7.26 -8.79
C GLY A 259 -5.39 6.08 -9.50
N GLN A 260 -5.98 5.67 -10.63
CA GLN A 260 -5.43 4.56 -11.41
C GLN A 260 -4.00 4.94 -11.92
N ILE A 261 -3.12 3.97 -11.87
CA ILE A 261 -1.78 4.16 -12.39
C ILE A 261 -1.68 3.30 -13.63
N SER A 262 -0.59 3.43 -14.36
CA SER A 262 -0.41 2.66 -15.54
C SER A 262 -0.32 1.16 -15.27
N VAL A 263 -0.85 0.35 -16.19
CA VAL A 263 -0.77 -1.09 -15.99
C VAL A 263 0.64 -1.60 -15.79
N ALA A 264 1.63 -1.06 -16.48
CA ALA A 264 2.99 -1.48 -16.29
C ALA A 264 3.43 -1.23 -14.85
N ASP A 265 3.12 -0.04 -14.30
CA ASP A 265 3.54 0.27 -12.93
C ASP A 265 2.76 -0.64 -11.92
N LEU A 266 1.47 -0.84 -12.17
CA LEU A 266 0.66 -1.68 -11.34
C LEU A 266 1.20 -3.12 -11.30
N ARG A 267 1.49 -3.71 -12.48
CA ARG A 267 1.97 -5.07 -12.52
C ARG A 267 3.35 -5.12 -11.77
N THR A 268 4.20 -4.10 -11.97
CA THR A 268 5.50 -4.02 -11.27
C THR A 268 5.33 -4.12 -9.78
N VAL A 269 4.45 -3.31 -9.22
CA VAL A 269 4.25 -3.29 -7.76
C VAL A 269 3.58 -4.59 -7.27
N LEU A 270 2.55 -5.05 -7.98
CA LEU A 270 1.89 -6.29 -7.59
C LEU A 270 2.87 -7.47 -7.51
N THR A 271 3.72 -7.57 -8.52
CA THR A 271 4.74 -8.62 -8.62
C THR A 271 5.70 -8.53 -7.43
N ILE A 272 6.19 -7.34 -7.11
CA ILE A 272 7.08 -7.18 -5.99
C ILE A 272 6.44 -7.67 -4.72
N LEU A 273 5.19 -7.25 -4.50
CA LEU A 273 4.46 -7.65 -3.31
C LEU A 273 4.12 -9.15 -3.24
N HIS A 274 4.01 -9.77 -4.37
CA HIS A 274 3.74 -11.19 -4.40
C HIS A 274 4.98 -12.03 -4.11
N GLN A 275 6.17 -11.46 -4.34
N GLN A 275 6.17 -11.48 -4.33
CA GLN A 275 7.47 -12.16 -4.11
CA GLN A 275 7.42 -12.26 -4.12
C GLN A 275 7.53 -12.88 -2.76
C GLN A 275 8.08 -11.91 -2.80
N ALA A 276 8.07 -14.09 -2.77
N ALA A 276 7.57 -10.87 -2.16
CA ALA A 276 8.20 -14.83 -1.53
CA ALA A 276 8.10 -10.37 -0.90
C ALA A 276 8.94 -16.10 -1.83
C ALA A 276 7.52 -8.99 -0.60
N ASN B 17 29.50 19.30 11.12
CA ASN B 17 28.21 18.54 11.29
C ASN B 17 26.89 19.32 11.41
N LEU B 18 26.78 20.61 11.14
CA LEU B 18 25.47 21.18 11.38
C LEU B 18 24.29 20.50 10.64
N TYR B 19 23.22 20.21 11.36
CA TYR B 19 22.00 19.71 10.72
C TYR B 19 20.96 20.81 10.97
N PHE B 20 19.92 20.80 10.14
CA PHE B 20 18.84 21.75 10.27
C PHE B 20 17.58 21.07 10.65
N GLN B 21 16.69 21.86 11.16
CA GLN B 21 15.41 21.39 11.67
CA GLN B 21 15.36 21.35 11.50
C GLN B 21 14.40 22.47 11.35
N SER B 22 13.32 22.11 10.72
N SER B 22 13.33 22.17 10.67
CA SER B 22 12.32 23.10 10.47
CA SER B 22 12.30 23.16 10.47
C SER B 22 11.05 22.61 11.05
C SER B 22 11.04 22.63 11.05
N ASN B 23 10.66 23.20 12.20
CA ASN B 23 9.46 22.75 12.84
C ASN B 23 8.29 23.05 11.97
N ALA B 24 8.25 24.19 11.32
CA ALA B 24 7.17 24.61 10.49
C ALA B 24 7.00 23.73 9.29
N MET B 25 8.07 23.30 8.69
CA MET B 25 7.95 22.42 7.52
C MET B 25 7.99 20.86 7.87
N LYS B 26 8.20 20.59 9.13
CA LYS B 26 8.31 19.24 9.65
C LYS B 26 9.43 18.45 8.97
N THR B 27 10.61 19.09 8.84
CA THR B 27 11.74 18.45 8.24
C THR B 27 12.97 18.47 9.12
N VAL B 28 13.88 17.51 8.86
CA VAL B 28 15.20 17.44 9.50
C VAL B 28 16.17 17.26 8.32
N THR B 29 17.12 18.16 8.18
CA THR B 29 18.03 18.11 7.03
C THR B 29 19.41 17.75 7.57
N VAL B 30 19.93 16.60 7.15
N VAL B 30 19.93 16.62 7.11
CA VAL B 30 21.25 16.07 7.56
CA VAL B 30 21.23 16.09 7.52
C VAL B 30 22.06 15.76 6.27
C VAL B 30 22.06 15.87 6.24
N ARG B 31 23.24 16.39 6.05
N ARG B 31 23.30 16.36 6.21
CA ARG B 31 24.07 16.15 4.80
CA ARG B 31 24.14 16.24 5.00
C ARG B 31 23.30 16.43 3.53
C ARG B 31 23.34 16.38 3.68
N ASP B 32 22.54 17.45 3.58
CA ASP B 32 21.71 17.87 2.42
C ASP B 32 20.50 16.99 2.13
N LEU B 33 20.29 15.96 2.95
CA LEU B 33 19.15 15.08 2.79
C LEU B 33 18.01 15.65 3.62
N VAL B 34 16.89 15.93 2.96
CA VAL B 34 15.77 16.54 3.64
C VAL B 34 14.75 15.48 4.03
N VAL B 35 14.86 15.01 5.27
CA VAL B 35 13.97 14.00 5.82
C VAL B 35 12.67 14.69 6.17
N GLY B 36 11.54 14.22 5.63
CA GLY B 36 10.22 14.78 5.85
C GLY B 36 9.67 15.50 4.62
N GLU B 37 10.40 15.55 3.55
CA GLU B 37 10.03 16.19 2.27
C GLU B 37 10.01 15.13 1.15
N GLY B 38 9.03 15.14 0.26
CA GLY B 38 9.08 14.18 -0.86
C GLY B 38 8.87 12.74 -0.49
N ALA B 39 9.50 11.89 -1.26
CA ALA B 39 9.38 10.48 -1.05
C ALA B 39 10.17 10.06 0.17
N PRO B 40 9.70 9.05 0.90
CA PRO B 40 10.43 8.58 2.05
C PRO B 40 11.87 8.19 1.71
N LYS B 41 12.76 8.40 2.68
CA LYS B 41 14.16 8.10 2.56
C LYS B 41 14.48 6.67 2.93
N ILE B 42 15.39 6.03 2.25
CA ILE B 42 15.81 4.64 2.50
C ILE B 42 16.96 4.53 3.48
N ILE B 43 16.76 3.79 4.58
CA ILE B 43 17.82 3.50 5.58
C ILE B 43 18.21 2.05 5.37
N VAL B 44 19.51 1.79 5.36
CA VAL B 44 20.06 0.44 5.35
C VAL B 44 20.93 0.27 6.58
N SER B 45 21.01 -0.95 7.06
CA SER B 45 21.76 -1.31 8.28
C SER B 45 23.01 -2.06 7.91
N LEU B 46 24.13 -1.52 8.36
CA LEU B 46 25.44 -2.14 8.11
C LEU B 46 25.83 -2.88 9.37
N MET B 47 26.22 -4.15 9.22
N MET B 47 26.22 -4.15 9.19
CA MET B 47 26.67 -4.96 10.30
CA MET B 47 26.56 -5.10 10.25
C MET B 47 27.96 -5.62 10.05
C MET B 47 27.89 -5.78 10.11
N GLY B 48 28.83 -5.48 11.00
CA GLY B 48 30.13 -6.11 10.90
C GLY B 48 30.72 -6.35 12.27
N LYS B 49 31.29 -7.52 12.49
CA LYS B 49 31.86 -7.85 13.80
C LYS B 49 33.15 -7.15 14.12
N THR B 50 34.04 -7.11 13.14
CA THR B 50 35.38 -6.51 13.30
C THR B 50 35.56 -5.25 12.41
N ILE B 51 36.62 -4.47 12.67
CA ILE B 51 36.92 -3.31 11.88
C ILE B 51 37.02 -3.65 10.40
N THR B 52 37.76 -4.66 10.02
CA THR B 52 37.87 -4.99 8.59
CA THR B 52 37.89 -4.99 8.61
C THR B 52 36.52 -5.47 8.04
N ASP B 53 35.70 -6.16 8.83
CA ASP B 53 34.37 -6.58 8.36
C ASP B 53 33.52 -5.31 8.05
N VAL B 54 33.57 -4.34 8.95
CA VAL B 54 32.87 -3.05 8.69
C VAL B 54 33.39 -2.40 7.39
N LYS B 55 34.70 -2.42 7.14
CA LYS B 55 35.23 -1.87 5.90
C LYS B 55 34.70 -2.63 4.68
N SER B 56 34.77 -3.95 4.75
N SER B 56 34.74 -3.96 4.68
CA SER B 56 34.26 -4.74 3.66
CA SER B 56 34.23 -4.67 3.50
C SER B 56 32.84 -4.43 3.36
C SER B 56 32.75 -4.45 3.30
N GLU B 57 32.00 -4.39 4.39
CA GLU B 57 30.53 -4.11 4.22
C GLU B 57 30.36 -2.69 3.74
N ALA B 58 31.17 -1.74 4.19
CA ALA B 58 31.04 -0.37 3.68
C ALA B 58 31.35 -0.30 2.17
N LEU B 59 32.36 -1.02 1.74
CA LEU B 59 32.70 -1.03 0.31
C LEU B 59 31.57 -1.65 -0.49
N ALA B 60 30.92 -2.69 0.02
CA ALA B 60 29.79 -3.29 -0.71
C ALA B 60 28.64 -2.32 -0.74
N TYR B 61 28.33 -1.70 0.42
CA TYR B 61 27.18 -0.77 0.48
C TYR B 61 27.34 0.45 -0.33
N ARG B 62 28.58 0.86 -0.61
CA ARG B 62 28.86 2.04 -1.42
C ARG B 62 28.24 1.87 -2.82
N GLU B 63 28.01 0.63 -3.25
CA GLU B 63 27.43 0.31 -4.55
C GLU B 63 25.93 0.25 -4.57
N ALA B 64 25.29 0.38 -3.41
CA ALA B 64 23.80 0.30 -3.28
C ALA B 64 23.12 1.66 -3.22
N ASP B 65 21.84 1.67 -3.55
CA ASP B 65 21.11 2.87 -3.57
C ASP B 65 20.35 3.01 -2.30
N PHE B 66 20.78 3.89 -1.43
CA PHE B 66 20.10 4.16 -0.16
C PHE B 66 20.41 5.61 0.16
N ASP B 67 19.74 6.14 1.22
CA ASP B 67 19.87 7.54 1.61
C ASP B 67 20.59 7.73 2.93
N ILE B 68 20.39 6.86 3.90
CA ILE B 68 21.00 6.97 5.21
C ILE B 68 21.63 5.63 5.57
N LEU B 69 22.87 5.64 6.04
N LEU B 69 22.89 5.65 6.05
CA LEU B 69 23.54 4.44 6.43
CA LEU B 69 23.65 4.45 6.47
C LEU B 69 23.41 4.36 7.94
C LEU B 69 23.54 4.29 7.98
N GLU B 70 22.80 3.29 8.44
CA GLU B 70 22.69 2.99 9.85
C GLU B 70 23.77 1.94 10.19
N TRP B 71 24.71 2.31 11.07
CA TRP B 71 25.66 1.35 11.58
C TRP B 71 25.09 0.68 12.77
N ARG B 72 24.82 -0.61 12.67
CA ARG B 72 24.32 -1.40 13.81
C ARG B 72 25.49 -1.84 14.68
N VAL B 73 25.78 -1.03 15.65
CA VAL B 73 26.87 -1.20 16.57
C VAL B 73 26.73 -2.43 17.44
N ASP B 74 25.49 -2.87 17.68
CA ASP B 74 25.27 -4.07 18.48
C ASP B 74 25.80 -5.30 17.78
N HIS B 75 26.11 -5.25 16.48
CA HIS B 75 26.71 -6.40 15.78
C HIS B 75 28.25 -6.32 15.90
N PHE B 76 28.83 -5.24 16.43
CA PHE B 76 30.30 -5.08 16.56
C PHE B 76 30.81 -5.77 17.79
N ALA B 77 31.91 -6.53 17.68
CA ALA B 77 32.37 -7.28 18.84
C ALA B 77 33.00 -6.46 19.95
N ASN B 78 33.69 -5.42 19.59
CA ASN B 78 34.44 -4.63 20.60
C ASN B 78 33.74 -3.34 20.96
N VAL B 79 32.44 -3.45 21.24
CA VAL B 79 31.62 -2.34 21.53
C VAL B 79 32.01 -1.57 22.81
N THR B 80 32.64 -2.20 23.81
CA THR B 80 33.03 -1.45 25.02
C THR B 80 34.43 -0.88 24.92
N THR B 81 35.08 -1.03 23.78
CA THR B 81 36.46 -0.48 23.60
C THR B 81 36.31 0.77 22.78
N ALA B 82 36.50 1.91 23.40
CA ALA B 82 36.34 3.13 22.76
C ALA B 82 37.12 3.33 21.45
N GLU B 83 38.37 2.98 21.48
CA GLU B 83 39.20 3.18 20.36
C GLU B 83 38.78 2.35 19.13
N SER B 84 38.24 1.18 19.43
CA SER B 84 37.82 0.24 18.34
C SER B 84 36.56 0.77 17.67
N VAL B 85 35.59 1.23 18.48
CA VAL B 85 34.38 1.85 17.95
C VAL B 85 34.71 3.07 17.08
N LEU B 86 35.64 3.92 17.55
CA LEU B 86 35.99 5.12 16.83
C LEU B 86 36.68 4.77 15.54
N GLU B 87 37.50 3.74 15.56
CA GLU B 87 38.19 3.34 14.34
C GLU B 87 37.17 2.79 13.28
N ALA B 88 36.23 1.99 13.71
CA ALA B 88 35.21 1.48 12.84
C ALA B 88 34.36 2.64 12.24
N ALA B 89 33.92 3.59 13.11
CA ALA B 89 33.18 4.67 12.57
C ALA B 89 33.93 5.48 11.57
N GLY B 90 35.20 5.76 11.86
CA GLY B 90 36.00 6.49 10.93
C GLY B 90 36.16 5.76 9.60
N ALA B 91 36.25 4.44 9.67
CA ALA B 91 36.37 3.66 8.44
C ALA B 91 35.14 3.81 7.58
N ILE B 92 33.95 3.75 8.18
CA ILE B 92 32.72 3.95 7.43
C ILE B 92 32.65 5.31 6.85
N ARG B 93 33.00 6.33 7.63
CA ARG B 93 32.95 7.69 7.13
CA ARG B 93 32.98 7.73 7.20
C ARG B 93 33.93 7.94 5.99
N GLU B 94 35.04 7.21 5.94
N GLU B 94 35.05 7.25 5.95
CA GLU B 94 36.10 7.28 4.90
CA GLU B 94 35.93 7.45 4.84
C GLU B 94 35.71 6.57 3.57
C GLU B 94 35.48 6.79 3.56
N ILE B 95 34.73 5.67 3.67
CA ILE B 95 34.30 4.93 2.53
C ILE B 95 32.97 5.49 2.00
N ILE B 96 32.04 5.73 2.90
CA ILE B 96 30.68 6.25 2.60
C ILE B 96 30.82 7.70 3.03
N THR B 97 31.19 8.56 2.09
CA THR B 97 31.50 9.92 2.46
C THR B 97 30.41 10.96 2.31
N ASP B 98 29.33 10.60 1.58
CA ASP B 98 28.29 11.55 1.24
C ASP B 98 26.89 11.31 1.78
N LYS B 99 26.74 10.30 2.60
CA LYS B 99 25.42 9.98 3.14
C LYS B 99 25.44 10.20 4.62
N PRO B 100 24.33 10.60 5.21
CA PRO B 100 24.28 10.67 6.66
C PRO B 100 24.55 9.32 7.30
N LEU B 101 25.30 9.31 8.37
CA LEU B 101 25.67 8.11 9.16
C LEU B 101 24.89 8.18 10.48
N LEU B 102 24.08 7.17 10.73
CA LEU B 102 23.26 7.00 11.90
C LEU B 102 23.92 5.89 12.77
N PHE B 103 24.27 6.20 14.01
CA PHE B 103 24.90 5.30 14.95
C PHE B 103 23.83 4.68 15.83
N THR B 104 23.64 3.38 15.69
CA THR B 104 22.62 2.67 16.43
C THR B 104 23.10 1.44 17.16
N PHE B 105 23.12 1.51 18.50
CA PHE B 105 23.29 0.30 19.30
C PHE B 105 21.83 -0.16 19.62
N ARG B 106 21.38 -1.25 18.99
CA ARG B 106 20.04 -1.82 19.19
C ARG B 106 20.19 -2.83 20.28
N SER B 107 19.39 -2.76 21.30
N SER B 107 19.75 -2.34 21.50
CA SER B 107 19.46 -3.72 22.34
CA SER B 107 19.80 -2.96 22.92
C SER B 107 18.75 -5.02 21.95
C SER B 107 19.09 -4.23 23.10
N ALA B 108 19.21 -6.11 22.57
N ALA B 108 19.58 -5.04 24.05
CA ALA B 108 18.64 -7.39 22.33
CA ALA B 108 19.05 -6.37 24.32
C ALA B 108 17.09 -7.44 22.50
C ALA B 108 17.56 -6.31 24.63
N LYS B 109 16.53 -6.80 23.53
N LYS B 109 17.15 -5.38 25.49
CA LYS B 109 15.10 -6.87 23.69
CA LYS B 109 15.73 -5.28 25.82
C LYS B 109 14.37 -5.97 22.72
C LYS B 109 14.89 -5.21 24.58
N GLU B 110 15.06 -5.16 21.94
N GLU B 110 15.36 -4.49 23.56
CA GLU B 110 14.41 -4.31 20.94
CA GLU B 110 14.57 -4.36 22.32
C GLU B 110 14.75 -4.72 19.54
C GLU B 110 15.05 -5.10 21.08
N GLY B 111 15.33 -5.92 19.38
N GLY B 111 15.55 -6.31 21.29
CA GLY B 111 15.64 -6.42 18.05
CA GLY B 111 16.01 -7.18 20.23
C GLY B 111 17.06 -6.63 17.69
C GLY B 111 17.46 -7.07 19.80
N GLY B 112 17.96 -6.28 18.59
N GLY B 112 18.25 -6.26 20.50
CA GLY B 112 19.35 -6.39 18.33
CA GLY B 112 19.69 -6.11 20.16
C GLY B 112 20.08 -7.59 18.86
C GLY B 112 20.47 -7.40 20.37
N GLU B 113 21.40 -7.51 18.88
N GLU B 113 21.53 -7.56 19.61
CA GLU B 113 22.24 -8.66 19.22
CA GLU B 113 22.36 -8.79 19.62
C GLU B 113 22.95 -8.66 20.53
C GLU B 113 23.20 -9.02 20.87
N GLN B 114 22.97 -7.50 21.20
N GLN B 114 23.39 -7.95 21.62
CA GLN B 114 23.72 -7.39 22.44
CA GLN B 114 24.14 -7.95 22.84
C GLN B 114 22.97 -6.48 23.41
C GLN B 114 23.34 -7.04 23.80
N ALA B 115 23.35 -6.57 24.64
N ALA B 115 23.78 -6.97 25.04
CA ALA B 115 22.78 -5.79 25.75
CA ALA B 115 23.11 -6.14 26.02
C ALA B 115 23.96 -5.20 26.57
C ALA B 115 24.14 -5.22 26.65
N LEU B 116 23.77 -3.98 27.00
CA LEU B 116 24.78 -3.20 27.75
C LEU B 116 24.07 -2.70 28.98
N THR B 117 24.85 -2.33 29.99
CA THR B 117 24.27 -1.66 31.08
C THR B 117 23.82 -0.22 30.59
N THR B 118 22.95 0.46 31.34
CA THR B 118 22.52 1.79 30.95
C THR B 118 23.77 2.70 30.84
N GLY B 119 24.69 2.60 31.80
CA GLY B 119 25.88 3.44 31.79
C GLY B 119 26.75 3.21 30.61
N GLN B 120 26.96 1.94 30.22
CA GLN B 120 27.77 1.61 29.07
C GLN B 120 27.12 2.14 27.82
N TYR B 121 25.81 2.03 27.70
CA TYR B 121 25.09 2.50 26.52
C TYR B 121 25.16 4.04 26.41
N ILE B 122 25.21 4.78 27.54
N ILE B 122 24.78 4.76 27.45
CA ILE B 122 25.38 6.25 27.54
CA ILE B 122 24.85 6.20 27.38
C ILE B 122 26.83 6.52 27.11
C ILE B 122 26.27 6.67 27.04
N ASP B 123 27.81 5.84 27.72
N ASP B 123 27.28 6.06 27.66
CA ASP B 123 29.20 6.05 27.31
CA ASP B 123 28.71 6.39 27.40
C ASP B 123 29.43 5.87 25.86
C ASP B 123 29.08 6.10 25.93
N LEU B 124 28.71 4.92 25.34
CA LEU B 124 28.95 4.56 23.94
C LEU B 124 28.38 5.68 23.02
N ASN B 125 27.17 6.10 23.29
CA ASN B 125 26.56 7.16 22.49
C ASN B 125 27.27 8.49 22.69
N ARG B 126 27.76 8.69 23.92
N ARG B 126 27.66 8.84 23.90
CA ARG B 126 28.48 9.90 24.27
CA ARG B 126 28.41 10.10 24.07
C ARG B 126 29.71 10.02 23.44
C ARG B 126 29.75 10.01 23.32
N ALA B 127 30.48 8.91 23.35
CA ALA B 127 31.67 8.89 22.60
C ALA B 127 31.38 9.08 21.09
N ALA B 128 30.31 8.51 20.58
CA ALA B 128 29.93 8.63 19.18
C ALA B 128 29.65 10.08 18.90
N VAL B 129 28.87 10.75 19.73
CA VAL B 129 28.61 12.16 19.53
C VAL B 129 29.89 12.97 19.55
N ASP B 130 30.78 12.69 20.50
CA ASP B 130 32.01 13.43 20.62
C ASP B 130 32.93 13.36 19.42
N SER B 131 32.89 12.23 18.73
CA SER B 131 33.87 12.00 17.66
C SER B 131 33.70 12.86 16.45
N GLY B 132 32.50 13.37 16.21
CA GLY B 132 32.22 14.10 15.02
C GLY B 132 32.06 13.22 13.77
N LEU B 133 32.09 11.90 13.94
CA LEU B 133 32.06 10.99 12.83
C LEU B 133 30.66 10.59 12.44
N VAL B 134 29.69 10.80 13.30
CA VAL B 134 28.32 10.39 13.00
C VAL B 134 27.42 11.61 13.01
N ASP B 135 26.46 11.58 12.12
CA ASP B 135 25.51 12.67 11.95
C ASP B 135 24.27 12.56 12.86
N MET B 136 23.90 11.33 13.21
N MET B 136 23.92 11.33 13.23
CA MET B 136 22.74 11.03 14.00
CA MET B 136 22.80 11.00 14.04
C MET B 136 22.99 9.86 14.90
C MET B 136 23.06 9.84 14.96
N ILE B 137 22.35 9.83 16.05
CA ILE B 137 22.35 8.69 16.97
C ILE B 137 20.93 8.21 17.16
N ASP B 138 20.80 6.93 17.45
CA ASP B 138 19.52 6.33 17.87
C ASP B 138 19.55 6.18 19.36
N LEU B 139 18.52 6.63 20.04
CA LEU B 139 18.32 6.46 21.49
C LEU B 139 17.01 5.72 21.74
N GLU B 140 17.05 4.62 22.49
CA GLU B 140 15.84 3.91 22.80
C GLU B 140 15.11 4.60 23.90
N LEU B 141 13.85 4.93 23.66
CA LEU B 141 12.96 5.60 24.65
C LEU B 141 12.98 4.88 26.02
N PHE B 142 12.85 3.57 26.01
N PHE B 142 12.77 3.59 26.04
CA PHE B 142 12.84 2.76 27.25
CA PHE B 142 12.75 2.93 27.35
C PHE B 142 14.07 2.82 28.11
C PHE B 142 14.08 2.68 28.05
N THR B 143 15.20 3.28 27.56
N THR B 143 15.09 3.45 27.69
CA THR B 143 16.45 3.46 28.32
CA THR B 143 16.36 3.33 28.38
C THR B 143 16.21 4.12 29.69
C THR B 143 16.16 4.07 29.73
N GLY B 144 15.29 5.06 29.75
CA GLY B 144 14.94 5.83 30.96
C GLY B 144 14.73 7.27 30.55
N ASP B 145 13.66 7.89 30.99
CA ASP B 145 13.39 9.28 30.61
C ASP B 145 14.49 10.29 30.92
N ASP B 146 15.10 10.24 32.12
CA ASP B 146 16.13 11.25 32.51
C ASP B 146 17.38 11.07 31.71
N GLU B 147 17.73 9.80 31.53
N GLU B 147 17.83 9.83 31.54
CA GLU B 147 18.89 9.40 30.78
CA GLU B 147 19.05 9.62 30.76
C GLU B 147 18.77 9.87 29.33
C GLU B 147 18.80 9.92 29.26
N VAL B 148 17.62 9.59 28.75
N VAL B 148 17.62 9.64 28.72
CA VAL B 148 17.37 9.93 27.37
CA VAL B 148 17.47 9.93 27.30
C VAL B 148 17.33 11.43 27.12
C VAL B 148 17.36 11.45 27.11
N LYS B 149 16.62 12.15 27.96
CA LYS B 149 16.50 13.60 27.80
C LYS B 149 17.89 14.26 27.84
N ALA B 150 18.72 13.85 28.81
CA ALA B 150 20.04 14.40 28.96
C ALA B 150 20.88 14.12 27.72
N THR B 151 20.80 12.90 27.22
CA THR B 151 21.58 12.50 26.07
C THR B 151 21.11 13.22 24.83
N VAL B 152 19.79 13.43 24.68
CA VAL B 152 19.31 14.20 23.54
C VAL B 152 19.93 15.62 23.56
N GLY B 153 19.85 16.29 24.71
CA GLY B 153 20.45 17.60 24.82
C GLY B 153 21.93 17.60 24.46
N TYR B 154 22.66 16.58 24.94
CA TYR B 154 24.06 16.46 24.66
C TYR B 154 24.33 16.30 23.17
N ALA B 155 23.55 15.43 22.54
CA ALA B 155 23.69 15.27 21.09
C ALA B 155 23.47 16.62 20.40
N HIS B 156 22.44 17.33 20.78
CA HIS B 156 22.12 18.61 20.14
C HIS B 156 23.21 19.65 20.35
N GLN B 157 23.85 19.64 21.50
CA GLN B 157 25.00 20.54 21.77
C GLN B 157 26.18 20.30 20.81
N HIS B 158 26.21 19.14 20.19
CA HIS B 158 27.23 18.75 19.25
C HIS B 158 26.77 18.59 17.81
N ASN B 159 25.63 19.15 17.48
CA ASN B 159 25.08 19.10 16.14
C ASN B 159 24.82 17.72 15.62
N VAL B 160 24.39 16.85 16.52
CA VAL B 160 24.05 15.48 16.16
C VAL B 160 22.54 15.34 16.38
N ALA B 161 21.81 14.87 15.38
CA ALA B 161 20.38 14.62 15.45
C ALA B 161 20.06 13.29 16.11
N VAL B 162 18.90 13.19 16.72
CA VAL B 162 18.49 11.99 17.41
C VAL B 162 17.22 11.38 16.80
N ILE B 163 17.31 10.09 16.48
CA ILE B 163 16.16 9.25 16.17
C ILE B 163 15.87 8.57 17.49
N MET B 164 14.73 8.77 18.09
CA MET B 164 14.31 8.12 19.37
C MET B 164 13.47 6.94 18.98
N SER B 165 13.69 5.79 19.54
CA SER B 165 13.07 4.61 19.03
C SER B 165 12.46 3.69 20.04
N ASN B 166 11.50 2.89 19.58
CA ASN B 166 10.83 1.90 20.38
C ASN B 166 10.39 0.78 19.44
N HIS B 167 10.52 -0.47 19.89
CA HIS B 167 10.25 -1.61 19.05
C HIS B 167 9.55 -2.68 19.84
N ASP B 168 8.53 -3.25 19.25
CA ASP B 168 7.81 -4.43 19.80
C ASP B 168 7.81 -5.51 18.75
N PHE B 169 8.56 -6.56 18.93
CA PHE B 169 8.67 -7.63 17.95
C PHE B 169 7.63 -8.73 18.11
N HIS B 170 6.75 -8.57 19.10
CA HIS B 170 5.69 -9.55 19.31
C HIS B 170 4.28 -9.12 19.02
N LYS B 171 3.97 -7.84 19.19
CA LYS B 171 2.61 -7.34 19.06
C LYS B 171 2.54 -5.90 18.62
N THR B 172 1.28 -5.46 18.38
CA THR B 172 0.94 -4.10 18.04
C THR B 172 0.04 -3.50 19.15
N PRO B 173 0.59 -2.54 19.89
CA PRO B 173 -0.32 -1.91 20.88
C PRO B 173 -1.47 -1.16 20.19
N ALA B 174 -2.48 -0.77 20.94
CA ALA B 174 -3.53 0.05 20.41
C ALA B 174 -2.99 1.34 19.83
N ALA B 175 -3.72 1.87 18.83
CA ALA B 175 -3.29 3.10 18.18
C ALA B 175 -3.06 4.22 19.18
N GLU B 176 -3.96 4.35 20.18
N GLU B 176 -3.96 4.35 20.17
CA GLU B 176 -3.79 5.43 21.17
CA GLU B 176 -3.83 5.40 21.17
C GLU B 176 -2.47 5.31 21.92
C GLU B 176 -2.49 5.30 21.91
N GLU B 177 -2.05 4.07 22.22
CA GLU B 177 -0.82 3.89 22.94
C GLU B 177 0.37 4.20 22.02
N ILE B 178 0.32 3.84 20.74
CA ILE B 178 1.37 4.14 19.78
C ILE B 178 1.52 5.70 19.68
N VAL B 179 0.40 6.40 19.52
CA VAL B 179 0.41 7.85 19.45
C VAL B 179 1.03 8.44 20.72
N GLN B 180 0.58 7.97 21.88
N GLN B 180 0.60 7.97 21.88
CA GLN B 180 1.17 8.53 23.06
CA GLN B 180 1.19 8.45 23.12
C GLN B 180 2.69 8.36 23.16
C GLN B 180 2.68 8.34 23.19
N ARG B 181 3.19 7.22 22.70
CA ARG B 181 4.61 6.92 22.76
C ARG B 181 5.40 7.87 21.79
N LEU B 182 4.83 8.10 20.59
CA LEU B 182 5.43 9.02 19.65
C LEU B 182 5.36 10.45 20.20
N ARG B 183 4.28 10.86 20.85
CA ARG B 183 4.23 12.18 21.44
C ARG B 183 5.31 12.32 22.55
N LYS B 184 5.53 11.29 23.36
N LYS B 184 5.51 11.26 23.32
CA LYS B 184 6.54 11.39 24.43
CA LYS B 184 6.49 11.24 24.40
C LYS B 184 7.90 11.54 23.81
C LYS B 184 7.90 11.41 23.87
N MET B 185 8.19 10.79 22.76
CA MET B 185 9.50 10.94 22.10
C MET B 185 9.74 12.36 21.66
N GLN B 186 8.72 12.99 21.07
CA GLN B 186 8.81 14.35 20.70
C GLN B 186 9.00 15.26 21.92
N GLU B 187 8.25 14.99 23.00
CA GLU B 187 8.39 15.78 24.21
C GLU B 187 9.80 15.73 24.79
N LEU B 188 10.45 14.58 24.66
CA LEU B 188 11.81 14.41 25.19
C LEU B 188 12.88 14.97 24.23
N GLY B 189 12.46 15.57 23.12
CA GLY B 189 13.35 16.22 22.17
C GLY B 189 13.86 15.45 21.02
N ALA B 190 13.31 14.30 20.74
CA ALA B 190 13.72 13.53 19.59
C ALA B 190 13.55 14.34 18.33
N ASP B 191 14.52 14.37 17.46
CA ASP B 191 14.33 15.04 16.17
C ASP B 191 13.39 14.20 15.30
N ILE B 192 13.47 12.88 15.39
CA ILE B 192 12.65 11.97 14.64
C ILE B 192 12.19 10.81 15.49
N PRO B 193 10.95 10.85 16.05
CA PRO B 193 10.37 9.68 16.71
C PRO B 193 10.23 8.51 15.78
N LYS B 194 10.54 7.31 16.26
CA LYS B 194 10.48 6.08 15.47
C LYS B 194 9.86 4.94 16.24
N ILE B 195 8.89 4.26 15.65
CA ILE B 195 8.32 3.09 16.27
C ILE B 195 8.17 1.93 15.28
N ALA B 196 8.54 0.73 15.71
CA ALA B 196 8.34 -0.48 14.92
C ALA B 196 7.54 -1.43 15.75
N VAL B 197 6.48 -2.04 15.18
CA VAL B 197 5.60 -2.98 15.86
C VAL B 197 5.36 -4.22 15.04
N MET B 198 4.95 -5.31 15.61
CA MET B 198 4.75 -6.54 14.89
C MET B 198 3.30 -6.85 14.81
N PRO B 199 2.74 -7.02 13.62
CA PRO B 199 1.30 -7.40 13.56
C PRO B 199 1.08 -8.86 13.83
N GLN B 200 -0.02 -9.14 14.48
CA GLN B 200 -0.51 -10.52 14.68
C GLN B 200 -1.74 -10.79 13.79
N THR B 201 -2.32 -9.71 13.25
CA THR B 201 -3.48 -9.77 12.35
C THR B 201 -3.29 -8.71 11.30
N LYS B 202 -4.11 -8.85 10.29
N LYS B 202 -4.08 -8.75 10.23
CA LYS B 202 -4.13 -7.90 9.19
CA LYS B 202 -4.02 -7.66 9.19
C LYS B 202 -4.51 -6.52 9.75
C LYS B 202 -4.51 -6.36 9.80
N ALA B 203 -5.52 -6.42 10.64
CA ALA B 203 -5.95 -5.19 11.24
C ALA B 203 -4.84 -4.48 11.97
N ASP B 204 -3.92 -5.24 12.59
CA ASP B 204 -2.83 -4.59 13.28
C ASP B 204 -2.00 -3.70 12.37
N VAL B 205 -1.82 -4.08 11.09
CA VAL B 205 -1.12 -3.26 10.17
C VAL B 205 -1.80 -1.90 10.04
N LEU B 206 -3.12 -1.96 9.90
CA LEU B 206 -3.92 -0.78 9.79
C LEU B 206 -3.89 0.11 11.05
N THR B 207 -3.80 -0.53 12.20
CA THR B 207 -3.67 0.17 13.51
C THR B 207 -2.38 1.00 13.51
N LEU B 208 -1.29 0.41 13.04
CA LEU B 208 -0.02 1.15 12.99
C LEU B 208 -0.17 2.33 12.03
N LEU B 209 -0.80 2.15 10.89
CA LEU B 209 -0.99 3.26 9.95
C LEU B 209 -1.90 4.35 10.49
N THR B 210 -2.95 3.93 11.21
CA THR B 210 -3.85 4.86 11.84
C THR B 210 -3.07 5.75 12.84
N ALA B 211 -2.26 5.12 13.66
CA ALA B 211 -1.45 5.89 14.64
C ALA B 211 -0.50 6.84 13.93
N THR B 212 0.09 6.41 12.80
CA THR B 212 1.02 7.21 12.00
C THR B 212 0.30 8.48 11.55
N VAL B 213 -0.88 8.30 10.95
CA VAL B 213 -1.66 9.42 10.44
C VAL B 213 -2.02 10.38 11.57
N GLU B 214 -2.54 9.83 12.64
N GLU B 214 -2.55 9.86 12.65
CA GLU B 214 -2.97 10.65 13.75
CA GLU B 214 -2.95 10.73 13.74
C GLU B 214 -1.81 11.46 14.33
C GLU B 214 -1.76 11.50 14.31
N MET B 215 -0.67 10.82 14.56
CA MET B 215 0.49 11.51 15.12
C MET B 215 0.96 12.61 14.18
N GLN B 216 1.16 12.23 12.92
N GLN B 216 1.17 12.33 12.90
CA GLN B 216 1.69 13.14 11.97
CA GLN B 216 1.72 13.39 12.02
C GLN B 216 0.86 14.36 11.77
C GLN B 216 0.78 14.52 11.76
N GLU B 217 -0.50 14.20 11.68
CA GLU B 217 -1.39 15.30 11.40
C GLU B 217 -1.79 16.15 12.56
N ARG B 218 -1.93 15.58 13.75
N ARG B 218 -1.90 15.54 13.73
CA ARG B 218 -2.40 16.37 14.88
CA ARG B 218 -2.43 16.21 14.90
C ARG B 218 -1.30 16.82 15.87
C ARG B 218 -1.38 16.72 15.90
N TYR B 219 -0.22 16.07 15.99
CA TYR B 219 0.76 16.38 17.00
C TYR B 219 2.16 16.67 16.57
N ALA B 220 2.62 16.10 15.48
CA ALA B 220 4.01 16.26 15.07
C ALA B 220 4.37 17.59 14.52
N ASP B 221 5.54 18.11 14.90
CA ASP B 221 6.11 19.24 14.28
C ASP B 221 7.49 18.85 13.69
N ARG B 222 7.61 17.60 13.31
CA ARG B 222 8.86 16.97 12.86
C ARG B 222 8.55 15.68 12.18
N PRO B 223 9.54 15.08 11.45
CA PRO B 223 9.28 13.81 10.87
C PRO B 223 9.15 12.72 11.86
N ILE B 224 8.37 11.66 11.51
CA ILE B 224 8.26 10.45 12.25
C ILE B 224 8.57 9.28 11.31
N ILE B 225 9.02 8.19 11.90
CA ILE B 225 9.32 6.94 11.19
C ILE B 225 8.52 5.81 11.81
N THR B 226 7.65 5.13 11.06
CA THR B 226 6.90 4.04 11.61
C THR B 226 6.89 2.85 10.68
N MET B 227 6.69 1.65 11.25
N MET B 227 6.76 1.66 11.27
CA MET B 227 6.57 0.44 10.43
CA MET B 227 6.66 0.43 10.51
C MET B 227 5.96 -0.65 11.21
C MET B 227 5.93 -0.65 11.25
N SER B 228 5.20 -1.45 10.46
CA SER B 228 4.60 -2.70 10.90
C SER B 228 5.47 -3.76 10.22
N MET B 229 6.13 -4.62 11.03
CA MET B 229 7.09 -5.61 10.53
C MET B 229 6.36 -6.84 9.97
N SER B 230 7.19 -7.74 9.45
CA SER B 230 6.83 -9.00 8.78
C SER B 230 6.31 -8.78 7.38
N LYS B 231 6.20 -9.87 6.59
CA LYS B 231 5.61 -9.75 5.28
C LYS B 231 4.23 -9.11 5.27
N THR B 232 3.43 -9.40 6.32
CA THR B 232 2.07 -8.87 6.40
C THR B 232 2.04 -7.36 6.45
N GLY B 233 3.10 -6.83 7.12
CA GLY B 233 3.17 -5.38 7.28
C GLY B 233 3.92 -4.62 6.26
N VAL B 234 4.38 -5.27 5.18
N VAL B 234 4.32 -5.31 5.20
CA VAL B 234 5.21 -4.56 4.12
CA VAL B 234 5.17 -4.69 4.19
C VAL B 234 4.60 -3.26 3.59
C VAL B 234 4.63 -3.39 3.60
N ILE B 235 3.32 -3.24 3.40
CA ILE B 235 2.73 -2.02 2.90
C ILE B 235 3.12 -0.78 3.69
N SER B 236 3.32 -0.91 5.03
CA SER B 236 3.70 0.18 5.88
C SER B 236 5.09 0.71 5.59
N ARG B 237 5.89 -0.11 4.91
CA ARG B 237 7.23 0.27 4.49
C ARG B 237 7.24 1.01 3.17
N LEU B 238 6.09 0.98 2.50
CA LEU B 238 6.03 1.53 1.11
C LEU B 238 5.16 2.77 1.04
N ALA B 239 4.19 2.94 1.95
CA ALA B 239 3.18 4.00 1.89
C ALA B 239 3.50 5.16 2.76
N GLY B 240 4.74 5.39 3.08
CA GLY B 240 5.07 6.52 3.90
C GLY B 240 4.71 7.90 3.42
N GLU B 241 4.78 8.10 2.10
CA GLU B 241 4.50 9.41 1.57
C GLU B 241 3.07 9.82 1.88
N VAL B 242 2.13 8.93 1.69
N VAL B 242 2.09 8.94 1.66
CA VAL B 242 0.78 9.30 1.95
CA VAL B 242 0.71 9.35 1.94
C VAL B 242 0.44 9.33 3.44
C VAL B 242 0.31 9.25 3.43
N PHE B 243 0.90 8.35 4.21
CA PHE B 243 0.49 8.22 5.60
C PHE B 243 1.33 8.96 6.59
N GLY B 244 2.52 9.36 6.21
CA GLY B 244 3.32 10.20 7.10
C GLY B 244 4.49 9.64 7.74
N SER B 245 5.08 8.59 7.18
CA SER B 245 6.32 8.01 7.71
C SER B 245 7.44 8.48 6.74
N ALA B 246 8.45 9.14 7.30
CA ALA B 246 9.49 9.80 6.55
C ALA B 246 10.63 8.98 6.08
N ALA B 247 10.80 7.76 6.55
CA ALA B 247 11.89 6.94 6.13
C ALA B 247 11.43 5.49 6.27
N THR B 248 12.18 4.62 5.63
CA THR B 248 11.90 3.18 5.52
C THR B 248 13.16 2.41 5.36
N PHE B 249 13.22 1.23 5.98
CA PHE B 249 14.41 0.38 5.97
C PHE B 249 14.31 -0.65 4.84
N GLY B 250 15.41 -0.77 4.08
CA GLY B 250 15.56 -1.78 3.03
C GLY B 250 16.76 -2.64 3.30
N ALA B 251 16.85 -3.74 2.59
CA ALA B 251 17.94 -4.72 2.71
C ALA B 251 18.87 -4.65 1.58
N VAL B 252 20.16 -4.57 1.87
CA VAL B 252 21.20 -4.60 0.84
C VAL B 252 21.51 -6.05 0.46
N LYS B 253 21.96 -6.88 1.41
N LYS B 253 21.86 -6.82 1.47
CA LYS B 253 22.24 -8.29 1.12
CA LYS B 253 22.11 -8.23 1.31
C LYS B 253 21.34 -9.23 1.93
C LYS B 253 20.92 -8.77 2.11
N LYS B 254 20.99 -8.82 3.13
N LYS B 254 21.21 -9.37 3.24
CA LYS B 254 20.16 -9.66 3.98
CA LYS B 254 20.20 -9.96 4.09
C LYS B 254 19.31 -8.73 4.77
C LYS B 254 19.41 -8.94 4.92
N ALA B 255 18.08 -9.14 4.98
CA ALA B 255 17.16 -8.30 5.76
C ALA B 255 17.61 -8.35 7.19
N SER B 256 17.61 -7.18 7.86
CA SER B 256 17.99 -6.97 9.24
C SER B 256 16.77 -7.07 10.18
N ALA B 257 15.57 -7.04 9.59
CA ALA B 257 14.30 -7.15 10.39
C ALA B 257 13.26 -7.78 9.49
N PRO B 258 12.30 -8.49 10.04
CA PRO B 258 11.31 -9.14 9.20
C PRO B 258 10.47 -8.18 8.37
N GLY B 259 10.31 -8.49 7.10
CA GLY B 259 9.51 -7.68 6.24
C GLY B 259 10.25 -6.77 5.30
N GLN B 260 11.53 -6.42 5.61
CA GLN B 260 12.31 -5.59 4.67
C GLN B 260 12.46 -6.27 3.34
N ILE B 261 12.30 -5.46 2.31
CA ILE B 261 12.51 -5.87 0.91
C ILE B 261 13.81 -5.30 0.42
N SER B 262 14.31 -5.72 -0.73
CA SER B 262 15.55 -5.18 -1.26
C SER B 262 15.50 -3.70 -1.52
N VAL B 263 16.62 -3.02 -1.35
CA VAL B 263 16.68 -1.63 -1.62
C VAL B 263 16.22 -1.34 -3.01
N ALA B 264 16.59 -2.15 -4.01
CA ALA B 264 16.16 -1.85 -5.38
C ALA B 264 14.67 -1.92 -5.49
N ASP B 265 14.04 -2.93 -4.90
CA ASP B 265 12.56 -3.04 -5.01
C ASP B 265 11.86 -1.91 -4.23
N LEU B 266 12.46 -1.54 -3.09
CA LEU B 266 11.90 -0.48 -2.27
C LEU B 266 11.96 0.84 -3.04
N ARG B 267 13.12 1.16 -3.66
CA ARG B 267 13.19 2.39 -4.42
C ARG B 267 12.20 2.39 -5.60
N THR B 268 12.07 1.27 -6.27
CA THR B 268 11.11 1.17 -7.35
C THR B 268 9.71 1.56 -6.91
N VAL B 269 9.25 1.00 -5.81
CA VAL B 269 7.89 1.23 -5.33
C VAL B 269 7.77 2.71 -4.88
N LEU B 270 8.73 3.20 -4.13
CA LEU B 270 8.65 4.58 -3.65
C LEU B 270 8.56 5.54 -4.79
N THR B 271 9.33 5.31 -5.85
CA THR B 271 9.34 6.20 -7.03
C THR B 271 8.00 6.16 -7.76
N ILE B 272 7.49 4.94 -7.97
CA ILE B 272 6.17 4.78 -8.61
C ILE B 272 5.07 5.55 -7.84
N LEU B 273 5.06 5.42 -6.53
CA LEU B 273 4.08 6.07 -5.68
C LEU B 273 4.30 7.60 -5.72
N HIS B 274 5.55 8.03 -5.76
CA HIS B 274 5.82 9.47 -5.78
C HIS B 274 5.35 10.14 -7.05
N GLN B 275 5.46 9.43 -8.15
CA GLN B 275 5.13 9.94 -9.49
C GLN B 275 3.73 9.60 -9.98
N ALA B 276 2.97 8.89 -9.16
CA ALA B 276 1.61 8.42 -9.50
C ALA B 276 0.73 9.59 -9.87
C1 MLA C . -14.13 2.30 -10.31
O1A MLA C . -15.16 1.66 -10.69
O1B MLA C . -14.27 3.21 -9.46
C2 MLA C . -12.88 1.90 -10.93
C3 MLA C . -11.69 2.62 -10.30
O3A MLA C . -11.89 3.46 -9.35
O3B MLA C . -10.58 2.41 -10.78
S DMS D . 2.19 -8.83 0.92
O DMS D . 1.75 -9.16 -0.72
C1 DMS D . 3.95 -8.88 1.41
C2 DMS D . 1.73 -7.11 1.16
S DMS E . -29.02 2.34 -14.88
O DMS E . -28.71 4.08 -15.07
C1 DMS E . -27.82 1.66 -13.71
C2 DMS E . -30.41 1.97 -13.73
S DMS F . -21.72 8.81 -7.15
O DMS F . -20.50 9.52 -6.20
C1 DMS F . -22.84 8.17 -5.91
C2 DMS F . -22.77 10.27 -7.45
NI NI G . -31.42 -18.24 -22.44
N1 IMD H . -29.92 -18.76 -23.81
C2 IMD H . -29.09 -17.92 -24.51
N3 IMD H . -28.38 -18.69 -25.36
C4 IMD H . -28.76 -19.97 -25.19
C5 IMD H . -29.69 -20.01 -24.17
S DMS I . 1.06 8.37 -3.15
O DMS I . 0.79 7.13 -2.00
C1 DMS I . -0.05 9.70 -2.66
C2 DMS I . 2.62 8.98 -2.72
C1 MLA J . 12.81 -2.46 10.60
O1A MLA J . 11.82 -3.13 11.07
O1B MLA J . 13.11 -2.54 9.44
C2 MLA J . 13.80 -1.81 11.53
C3 MLA J . 13.30 -1.81 12.92
O3A MLA J . 13.91 -1.01 13.63
O3B MLA J . 12.41 -2.59 13.37
S DMS K . 21.49 -0.79 26.19
O DMS K . 21.27 -2.48 26.08
C1 DMS K . 20.17 -0.04 25.21
C2 DMS K . 20.87 -0.30 27.79
S DMS L . 0.24 19.52 14.16
O DMS L . 1.27 20.64 13.37
C1 DMS L . 1.11 19.96 15.63
C2 DMS L . -1.26 20.43 14.40
B BO3 M . 17.39 -0.92 13.59
O1 BO3 M . 17.40 0.32 13.90
O2 BO3 M . 16.69 -1.61 14.46
O3 BO3 M . 18.02 -1.56 12.50
#